data_6TZ7
#
_entry.id   6TZ7
#
_cell.length_a   59.240
_cell.length_b   94.460
_cell.length_c   69.830
_cell.angle_alpha   90.00
_cell.angle_beta   109.28
_cell.angle_gamma   90.00
#
_symmetry.space_group_name_H-M   'P 1 21 1'
#
loop_
_entity.id
_entity.type
_entity.pdbx_description
1 polymer 'Serine/threonine-protein phosphatase 2B catalytic subunit'
2 polymer 'Calcineurin Ca2+-binding regulatory subunit CnaB'
3 polymer 'FK506-binding protein 1A'
4 non-polymer 'ZINC ION'
5 non-polymer 'FE (III) ION'
6 non-polymer 'PHOSPHATE ION'
7 non-polymer 1,2-ETHANEDIOL
8 non-polymer 'CALCIUM ION'
9 non-polymer 8-DEETHYL-8-[BUT-3-ENYL]-ASCOMYCIN
10 water water
#
loop_
_entity_poly.entity_id
_entity_poly.type
_entity_poly.pdbx_seq_one_letter_code
_entity_poly.pdbx_strand_id
1 'polypeptide(L)'
;MGSSHHHHHHSSGLVPRGSEDGTQVSTLERVIKEVQAPALSTPTDEMFWSPEDPSKPNLQFLKQHFYREGRLTEEQALWI
IHAGTQILRSEPNLLEMDAPITVCGDVHGQYYDLMKLFEVGGDPSETRYLFLGDYVDRGYFSIECVLYLWALKIWYPNSL
WLLRGNHECRHLTDYFTFKLECKHKYSERIYEACIESFCALPLAAVMNKQFLCIHGGLSPELHTLEDIKSIDRFREPPTH
GLMCDILWADPLEEFGQEKTGDYFVHNSVRGCSYFFSYPAACAFLEKNNLLSIIRAHEAQDAGYRMYRKTRTTGFPSVMT
IFSAPNYLDVYNNKAAVLKYENNVMNIRQFNCTPHPYWLPNFMDVFTWSLPFVGEKITDMLIAILNTC
;
A
2 'polypeptide(L)'
;MSVGTSQLLDNIVSASNFDRDEVDRLRKRFMKLDKDSSGTIDRDEFLSLPQVSSNPLATRMIAIFDEDGGGDVDFQEFVS
GLSAFSSKGNKEEKLRFAFKVYDIDRDGYISNGELFIVLKMMVGNNLKDVQLQQIVDKTIMEADKDRDGKISFEEFTEMV
ENTDVSLSMTLSMF
;
B
3 'polypeptide(L)'
;MGLNDIFEAQKIEWHEGVTKELKSPGNGVDFPKKGDFVTIHYTGRLTDGSKFDSSVDRNEPFQTQIGTGRVIKGWDEGVP
QMSLGEKAVLTITPDYGYGARGFPPVIPGNSTLIFEVELLGINNKRA
;
C
#
loop_
_chem_comp.id
_chem_comp.type
_chem_comp.name
_chem_comp.formula
CA non-polymer 'CALCIUM ION' 'Ca 2'
EDO non-polymer 1,2-ETHANEDIOL 'C2 H6 O2'
FE non-polymer 'FE (III) ION' 'Fe 3'
FK5 non-polymer 8-DEETHYL-8-[BUT-3-ENYL]-ASCOMYCIN 'C44 H69 N O12'
PO4 non-polymer 'PHOSPHATE ION' 'O4 P -3'
ZN non-polymer 'ZINC ION' 'Zn 2'
#
# COMPACT_ATOMS: atom_id res chain seq x y z
N THR A 27 25.54 10.23 3.27
CA THR A 27 25.52 10.44 1.83
C THR A 27 25.19 11.90 1.49
N LEU A 28 26.23 12.70 1.30
CA LEU A 28 26.06 14.12 0.99
C LEU A 28 25.73 14.33 -0.49
N GLU A 29 26.23 13.44 -1.35
CA GLU A 29 26.08 13.60 -2.78
C GLU A 29 24.76 13.02 -3.31
N ARG A 30 23.67 13.72 -3.03
CA ARG A 30 22.37 13.36 -3.58
C ARG A 30 21.81 14.52 -4.41
N VAL A 31 21.00 14.21 -5.42
CA VAL A 31 20.49 15.24 -6.31
C VAL A 31 19.51 16.16 -5.61
N ILE A 32 18.52 15.58 -4.93
CA ILE A 32 17.53 16.37 -4.21
C ILE A 32 17.86 16.39 -2.72
N LYS A 33 18.73 17.33 -2.33
CA LYS A 33 19.23 17.38 -0.96
C LYS A 33 18.19 17.87 0.03
N GLU A 34 17.21 18.62 -0.45
CA GLU A 34 16.15 19.15 0.41
C GLU A 34 15.26 18.03 0.93
N VAL A 35 15.30 16.88 0.27
CA VAL A 35 14.55 15.72 0.72
C VAL A 35 15.35 14.96 1.78
N GLN A 36 14.73 14.74 2.94
CA GLN A 36 15.39 14.06 4.04
C GLN A 36 15.53 12.57 3.77
N ALA A 37 16.71 12.04 4.05
CA ALA A 37 16.97 10.61 3.89
C ALA A 37 16.44 9.83 5.09
N PRO A 38 16.10 8.55 4.89
CA PRO A 38 15.63 7.72 6.01
C PRO A 38 16.71 7.47 7.05
N ALA A 39 16.30 7.12 8.26
CA ALA A 39 17.25 6.79 9.33
C ALA A 39 18.07 5.57 8.93
N LEU A 40 19.38 5.73 8.91
CA LEU A 40 20.28 4.70 8.37
C LEU A 40 20.48 3.51 9.30
N SER A 41 20.61 3.77 10.60
CA SER A 41 21.00 2.73 11.54
C SER A 41 19.87 2.25 12.44
N THR A 42 20.07 1.09 13.06
CA THR A 42 19.12 0.54 14.02
C THR A 42 19.50 0.98 15.43
N PRO A 43 18.50 1.13 16.31
CA PRO A 43 18.73 1.62 17.67
C PRO A 43 19.58 0.70 18.52
N THR A 44 20.40 1.27 19.39
CA THR A 44 21.12 0.50 20.39
C THR A 44 20.21 0.27 21.59
N ASP A 45 20.64 -0.59 22.51
CA ASP A 45 19.84 -0.89 23.70
C ASP A 45 19.59 0.37 24.53
N GLU A 46 20.60 1.23 24.64
CA GLU A 46 20.48 2.45 25.41
C GLU A 46 19.45 3.40 24.78
N MET A 47 19.41 3.41 23.45
CA MET A 47 18.46 4.24 22.72
C MET A 47 17.05 3.65 22.78
N PHE A 48 16.97 2.33 22.70
CA PHE A 48 15.68 1.64 22.63
C PHE A 48 14.90 1.74 23.94
N TRP A 49 15.53 1.36 25.05
CA TRP A 49 14.86 1.32 26.34
C TRP A 49 14.68 2.71 26.95
N SER A 50 13.52 2.94 27.56
CA SER A 50 13.21 4.22 28.19
C SER A 50 14.09 4.50 29.40
N PRO A 51 14.60 5.73 29.50
CA PRO A 51 15.44 6.13 30.64
C PRO A 51 14.65 6.24 31.94
N GLU A 52 13.35 6.47 31.83
CA GLU A 52 12.49 6.58 33.00
C GLU A 52 12.06 5.19 33.47
N ASP A 53 11.74 4.31 32.51
CA ASP A 53 11.39 2.94 32.82
C ASP A 53 12.15 2.01 31.88
N PRO A 54 13.29 1.46 32.36
CA PRO A 54 14.19 0.63 31.55
C PRO A 54 13.59 -0.74 31.20
N SER A 55 12.36 -1.00 31.61
CA SER A 55 11.70 -2.26 31.27
C SER A 55 10.75 -2.07 30.09
N LYS A 56 10.63 -0.82 29.63
CA LYS A 56 9.74 -0.49 28.52
C LYS A 56 10.46 0.35 27.47
N PRO A 57 10.04 0.22 26.20
CA PRO A 57 10.66 0.97 25.11
C PRO A 57 10.48 2.48 25.23
N ASN A 58 11.39 3.24 24.64
CA ASN A 58 11.26 4.68 24.57
C ASN A 58 10.25 5.08 23.51
N LEU A 59 9.11 5.60 23.95
CA LEU A 59 8.03 5.97 23.04
C LEU A 59 8.40 7.15 22.15
N GLN A 60 8.99 8.18 22.75
CA GLN A 60 9.36 9.39 22.01
C GLN A 60 10.38 9.07 20.94
N PHE A 61 11.30 8.17 21.25
CA PHE A 61 12.30 7.73 20.30
C PHE A 61 11.68 6.91 19.17
N LEU A 62 10.81 5.98 19.55
CA LEU A 62 10.12 5.14 18.57
C LEU A 62 9.27 5.96 17.61
N LYS A 63 8.61 6.98 18.15
CA LYS A 63 7.77 7.86 17.36
C LYS A 63 8.58 8.59 16.29
N GLN A 64 9.76 9.07 16.67
CA GLN A 64 10.63 9.80 15.75
C GLN A 64 11.34 8.85 14.78
N HIS A 65 11.78 7.70 15.29
CA HIS A 65 12.52 6.74 14.49
C HIS A 65 11.67 6.17 13.36
N PHE A 66 10.42 5.84 13.66
CA PHE A 66 9.50 5.32 12.66
C PHE A 66 9.10 6.41 11.67
N TYR A 67 8.98 7.64 12.17
CA TYR A 67 8.63 8.78 11.34
C TYR A 67 9.67 9.01 10.25
N ARG A 68 10.92 8.71 10.57
CA ARG A 68 12.01 8.88 9.61
C ARG A 68 12.34 7.55 8.92
N GLU A 69 11.34 6.67 8.88
CA GLU A 69 11.44 5.38 8.20
C GLU A 69 12.58 4.51 8.72
N GLY A 70 12.91 4.68 10.00
CA GLY A 70 13.94 3.87 10.63
C GLY A 70 13.41 2.51 11.02
N ARG A 71 14.31 1.53 11.12
CA ARG A 71 13.91 0.18 11.52
C ARG A 71 14.57 -0.22 12.83
N LEU A 72 13.90 -1.10 13.57
CA LEU A 72 14.46 -1.69 14.77
C LEU A 72 15.24 -2.94 14.40
N THR A 73 16.03 -3.46 15.34
CA THR A 73 16.65 -4.75 15.14
C THR A 73 15.57 -5.82 15.25
N GLU A 74 15.84 -7.01 14.71
CA GLU A 74 14.88 -8.10 14.78
C GLU A 74 14.52 -8.43 16.23
N GLU A 75 15.54 -8.38 17.09
CA GLU A 75 15.36 -8.68 18.50
C GLU A 75 14.42 -7.69 19.20
N GLN A 76 14.61 -6.41 18.91
CA GLN A 76 13.80 -5.36 19.50
C GLN A 76 12.34 -5.45 19.04
N ALA A 77 12.14 -5.64 17.74
CA ALA A 77 10.80 -5.73 17.18
C ALA A 77 10.07 -6.95 17.73
N LEU A 78 10.77 -8.07 17.84
CA LEU A 78 10.19 -9.29 18.39
C LEU A 78 9.78 -9.11 19.85
N TRP A 79 10.57 -8.34 20.60
CA TRP A 79 10.29 -8.11 22.01
C TRP A 79 8.99 -7.35 22.21
N ILE A 80 8.78 -6.33 21.37
CA ILE A 80 7.58 -5.50 21.45
C ILE A 80 6.32 -6.32 21.19
N ILE A 81 6.37 -7.13 20.14
CA ILE A 81 5.22 -7.95 19.76
C ILE A 81 4.93 -9.01 20.81
N HIS A 82 5.96 -9.69 21.28
CA HIS A 82 5.80 -10.73 22.28
C HIS A 82 5.31 -10.16 23.62
N ALA A 83 5.84 -9.00 24.01
CA ALA A 83 5.38 -8.35 25.23
C ALA A 83 3.94 -7.90 25.08
N GLY A 84 3.57 -7.48 23.87
CA GLY A 84 2.22 -7.11 23.56
C GLY A 84 1.30 -8.32 23.64
N THR A 85 1.79 -9.45 23.13
CA THR A 85 1.04 -10.70 23.18
C THR A 85 0.80 -11.14 24.62
N GLN A 86 1.83 -10.95 25.46
CA GLN A 86 1.75 -11.32 26.87
C GLN A 86 0.59 -10.63 27.57
N ILE A 87 0.39 -9.34 27.27
CA ILE A 87 -0.69 -8.58 27.89
C ILE A 87 -2.04 -8.94 27.31
N LEU A 88 -2.10 -9.06 25.98
CA LEU A 88 -3.35 -9.34 25.28
C LEU A 88 -3.96 -10.70 25.64
N ARG A 89 -3.10 -11.69 25.90
CA ARG A 89 -3.58 -13.03 26.22
C ARG A 89 -4.32 -13.09 27.55
N SER A 90 -4.06 -12.10 28.41
CA SER A 90 -4.69 -12.05 29.73
C SER A 90 -6.03 -11.33 29.70
N GLU A 91 -6.36 -10.74 28.55
CA GLU A 91 -7.61 -10.01 28.41
C GLU A 91 -8.73 -10.92 27.89
N PRO A 92 -9.97 -10.64 28.31
CA PRO A 92 -11.13 -11.41 27.85
C PRO A 92 -11.52 -11.08 26.42
N ASN A 93 -12.36 -11.92 25.82
CA ASN A 93 -12.87 -11.66 24.48
C ASN A 93 -13.67 -10.37 24.45
N LEU A 94 -14.39 -10.11 25.53
CA LEU A 94 -15.22 -8.92 25.65
C LEU A 94 -14.65 -7.97 26.69
N LEU A 95 -13.96 -6.93 26.22
CA LEU A 95 -13.41 -5.92 27.12
C LEU A 95 -14.52 -5.10 27.76
N GLU A 96 -14.27 -4.63 28.98
CA GLU A 96 -15.25 -3.79 29.67
C GLU A 96 -14.56 -2.57 30.27
N MET A 97 -14.85 -1.41 29.71
CA MET A 97 -14.20 -0.16 30.10
C MET A 97 -15.22 0.95 30.31
N ASP A 98 -14.86 1.94 31.12
CA ASP A 98 -15.74 3.08 31.37
C ASP A 98 -15.21 4.34 30.72
N ALA A 99 -16.06 5.36 30.62
CA ALA A 99 -15.66 6.67 30.13
C ALA A 99 -14.74 7.33 31.15
N PRO A 100 -13.89 8.28 30.70
CA PRO A 100 -13.73 8.79 29.34
C PRO A 100 -12.98 7.82 28.42
N ILE A 101 -13.17 7.99 27.11
CA ILE A 101 -12.54 7.11 26.13
C ILE A 101 -12.53 7.78 24.76
N THR A 102 -11.55 7.42 23.93
CA THR A 102 -11.49 7.90 22.56
C THR A 102 -11.49 6.72 21.60
N VAL A 103 -12.63 6.51 20.94
CA VAL A 103 -12.79 5.37 20.03
C VAL A 103 -12.23 5.69 18.65
N CYS A 104 -11.40 4.80 18.13
CA CYS A 104 -10.75 5.00 16.84
C CYS A 104 -11.07 3.87 15.88
N GLY A 105 -11.23 4.21 14.60
CA GLY A 105 -11.54 3.23 13.58
C GLY A 105 -10.32 2.70 12.86
N ASP A 106 -10.48 2.37 11.59
CA ASP A 106 -9.41 1.78 10.80
C ASP A 106 -8.21 2.71 10.68
N VAL A 107 -7.02 2.11 10.62
CA VAL A 107 -5.78 2.87 10.43
C VAL A 107 -5.12 2.46 9.12
N HIS A 108 -5.01 1.15 8.91
CA HIS A 108 -4.48 0.57 7.67
C HIS A 108 -3.11 1.11 7.28
N GLY A 109 -2.12 0.90 8.14
CA GLY A 109 -0.73 1.23 7.82
C GLY A 109 -0.46 2.68 7.50
N GLN A 110 -1.38 3.57 7.87
CA GLN A 110 -1.18 5.00 7.67
C GLN A 110 -0.58 5.62 8.92
N TYR A 111 0.70 5.32 9.15
CA TYR A 111 1.40 5.72 10.36
C TYR A 111 1.46 7.24 10.52
N TYR A 112 1.65 7.94 9.41
CA TYR A 112 1.81 9.39 9.45
C TYR A 112 0.48 10.09 9.67
N ASP A 113 -0.62 9.34 9.48
CA ASP A 113 -1.93 9.85 9.83
C ASP A 113 -2.30 9.41 11.25
N LEU A 114 -1.67 8.33 11.69
CA LEU A 114 -1.83 7.85 13.06
C LEU A 114 -1.20 8.84 14.04
N MET A 115 -0.12 9.49 13.62
CA MET A 115 0.52 10.51 14.43
C MET A 115 -0.40 11.72 14.59
N LYS A 116 -1.11 12.05 13.52
CA LYS A 116 -2.08 13.13 13.56
C LYS A 116 -3.26 12.76 14.46
N LEU A 117 -3.61 11.48 14.45
CA LEU A 117 -4.71 10.97 15.26
C LEU A 117 -4.49 11.25 16.73
N PHE A 118 -3.29 10.92 17.23
CA PHE A 118 -2.98 11.10 18.64
C PHE A 118 -2.86 12.58 19.01
N GLU A 119 -2.54 13.41 18.03
CA GLU A 119 -2.45 14.85 18.26
C GLU A 119 -3.83 15.48 18.35
N VAL A 120 -4.80 14.87 17.68
CA VAL A 120 -6.18 15.34 17.71
C VAL A 120 -6.94 14.75 18.90
N GLY A 121 -6.76 13.45 19.13
CA GLY A 121 -7.45 12.76 20.21
C GLY A 121 -6.83 13.02 21.58
N GLY A 122 -5.52 13.24 21.61
CA GLY A 122 -4.81 13.46 22.85
C GLY A 122 -3.72 12.45 23.09
N ASP A 123 -2.69 12.84 23.83
CA ASP A 123 -1.57 11.97 24.14
C ASP A 123 -2.02 10.79 25.00
N PRO A 124 -1.69 9.56 24.57
CA PRO A 124 -2.05 8.31 25.25
C PRO A 124 -1.63 8.27 26.73
N SER A 125 -0.64 9.07 27.10
CA SER A 125 -0.17 9.13 28.47
C SER A 125 -1.20 9.77 29.41
N GLU A 126 -2.18 10.44 28.82
CA GLU A 126 -3.22 11.10 29.59
C GLU A 126 -4.57 11.02 28.90
N THR A 127 -4.69 10.05 27.99
CA THR A 127 -5.93 9.86 27.23
C THR A 127 -6.23 8.37 27.05
N ARG A 128 -7.45 7.98 27.41
CA ARG A 128 -7.88 6.60 27.27
C ARG A 128 -8.36 6.32 25.84
N TYR A 129 -7.82 5.26 25.24
CA TYR A 129 -8.12 4.95 23.83
C TYR A 129 -8.78 3.59 23.63
N LEU A 130 -9.45 3.45 22.50
CA LEU A 130 -10.04 2.19 22.08
C LEU A 130 -10.00 2.08 20.56
N PHE A 131 -9.14 1.21 20.05
CA PHE A 131 -9.03 0.99 18.61
C PHE A 131 -9.86 -0.20 18.17
N LEU A 132 -10.56 -0.04 17.05
CA LEU A 132 -11.52 -1.03 16.59
C LEU A 132 -10.96 -2.03 15.58
N GLY A 133 -9.68 -1.88 15.24
CA GLY A 133 -9.02 -2.85 14.39
C GLY A 133 -8.53 -2.32 13.05
N ASP A 134 -8.14 -3.24 12.18
CA ASP A 134 -7.58 -2.92 10.86
C ASP A 134 -6.39 -1.97 10.98
N TYR A 135 -5.29 -2.48 11.53
CA TYR A 135 -4.08 -1.69 11.71
C TYR A 135 -3.11 -1.89 10.55
N VAL A 136 -3.34 -2.97 9.79
CA VAL A 136 -2.40 -3.38 8.75
C VAL A 136 -3.01 -3.39 7.35
N ASP A 137 -2.19 -3.78 6.38
CA ASP A 137 -2.57 -3.88 4.96
C ASP A 137 -2.88 -2.52 4.32
N ARG A 138 -2.85 -2.50 3.00
CA ARG A 138 -3.16 -1.32 2.18
C ARG A 138 -2.13 -0.19 2.38
N GLY A 139 -1.95 0.27 3.61
CA GLY A 139 -0.91 1.24 3.90
C GLY A 139 0.45 0.56 3.94
N TYR A 140 1.48 1.28 3.51
CA TYR A 140 2.81 0.71 3.42
C TYR A 140 3.65 0.95 4.68
N PHE A 141 2.99 1.36 5.76
CA PHE A 141 3.66 1.54 7.04
C PHE A 141 2.90 0.80 8.14
N SER A 142 2.49 -0.43 7.83
CA SER A 142 1.69 -1.22 8.76
C SER A 142 2.47 -1.68 9.98
N ILE A 143 3.68 -2.17 9.78
CA ILE A 143 4.48 -2.70 10.88
C ILE A 143 4.89 -1.57 11.83
N GLU A 144 4.99 -0.35 11.31
CA GLU A 144 5.29 0.80 12.16
C GLU A 144 4.09 1.11 13.06
N CYS A 145 2.90 0.97 12.50
CA CYS A 145 1.67 1.15 13.26
C CYS A 145 1.55 0.11 14.36
N VAL A 146 1.84 -1.13 14.03
CA VAL A 146 1.75 -2.24 14.98
C VAL A 146 2.76 -2.10 16.11
N LEU A 147 4.02 -1.91 15.75
CA LEU A 147 5.09 -1.81 16.74
C LEU A 147 4.88 -0.65 17.70
N TYR A 148 4.32 0.46 17.19
CA TYR A 148 4.10 1.63 18.03
C TYR A 148 2.85 1.49 18.89
N LEU A 149 1.78 0.95 18.31
CA LEU A 149 0.56 0.71 19.06
C LEU A 149 0.77 -0.35 20.13
N TRP A 150 1.57 -1.37 19.80
CA TRP A 150 1.91 -2.40 20.76
C TRP A 150 2.78 -1.83 21.88
N ALA A 151 3.67 -0.92 21.51
CA ALA A 151 4.53 -0.24 22.50
C ALA A 151 3.69 0.60 23.44
N LEU A 152 2.63 1.22 22.91
CA LEU A 152 1.71 2.00 23.73
C LEU A 152 0.92 1.09 24.66
N LYS A 153 0.56 -0.09 24.17
CA LYS A 153 -0.16 -1.08 24.95
C LYS A 153 0.69 -1.57 26.12
N ILE A 154 1.99 -1.69 25.88
CA ILE A 154 2.92 -2.10 26.92
C ILE A 154 3.02 -1.02 28.01
N TRP A 155 3.11 0.23 27.59
CA TRP A 155 3.19 1.36 28.52
C TRP A 155 1.87 1.59 29.24
N TYR A 156 0.76 1.45 28.51
CA TYR A 156 -0.56 1.74 29.07
C TYR A 156 -1.54 0.59 28.84
N PRO A 157 -1.36 -0.52 29.57
CA PRO A 157 -2.19 -1.71 29.37
C PRO A 157 -3.61 -1.54 29.93
N ASN A 158 -3.80 -0.56 30.81
CA ASN A 158 -5.10 -0.36 31.45
C ASN A 158 -5.78 0.95 31.06
N SER A 159 -5.34 1.55 29.97
CA SER A 159 -5.95 2.79 29.49
C SER A 159 -5.99 2.84 27.96
N LEU A 160 -5.31 1.90 27.31
CA LEU A 160 -5.34 1.78 25.86
C LEU A 160 -5.70 0.36 25.46
N TRP A 161 -6.74 0.21 24.65
CA TRP A 161 -7.20 -1.12 24.26
C TRP A 161 -7.24 -1.29 22.74
N LEU A 162 -6.93 -2.50 22.30
CA LEU A 162 -6.90 -2.83 20.88
C LEU A 162 -7.82 -4.00 20.56
N LEU A 163 -8.79 -3.76 19.68
CA LEU A 163 -9.67 -4.83 19.22
C LEU A 163 -9.16 -5.42 17.92
N ARG A 164 -9.62 -6.62 17.59
CA ARG A 164 -9.20 -7.28 16.37
C ARG A 164 -10.07 -6.87 15.19
N GLY A 165 -9.44 -6.55 14.06
CA GLY A 165 -10.16 -6.29 12.83
C GLY A 165 -10.07 -7.50 11.94
N ASN A 166 -10.82 -7.49 10.83
CA ASN A 166 -10.81 -8.63 9.92
C ASN A 166 -9.48 -8.77 9.21
N HIS A 167 -8.70 -7.68 9.17
CA HIS A 167 -7.39 -7.71 8.52
C HIS A 167 -6.30 -8.27 9.43
N GLU A 168 -6.61 -8.38 10.72
CA GLU A 168 -5.67 -8.95 11.68
C GLU A 168 -5.73 -10.47 11.69
N CYS A 169 -5.36 -11.07 10.57
CA CYS A 169 -5.34 -12.53 10.43
C CYS A 169 -4.34 -12.95 9.37
N ARG A 170 -4.06 -14.25 9.29
CA ARG A 170 -3.07 -14.75 8.36
C ARG A 170 -3.52 -14.62 6.90
N HIS A 171 -4.82 -14.82 6.67
CA HIS A 171 -5.36 -14.84 5.31
C HIS A 171 -5.21 -13.50 4.59
N LEU A 172 -5.71 -12.42 5.19
CA LEU A 172 -5.71 -11.12 4.53
C LEU A 172 -4.32 -10.50 4.46
N THR A 173 -3.52 -10.71 5.50
CA THR A 173 -2.16 -10.16 5.53
C THR A 173 -1.29 -10.80 4.46
N ASP A 174 -1.54 -12.08 4.17
CA ASP A 174 -0.82 -12.79 3.13
C ASP A 174 -1.35 -12.39 1.76
N TYR A 175 -2.65 -12.16 1.68
CA TYR A 175 -3.30 -11.78 0.43
C TYR A 175 -2.90 -10.37 0.03
N PHE A 176 -2.88 -9.45 0.99
CA PHE A 176 -2.55 -8.07 0.70
C PHE A 176 -1.05 -7.78 0.89
N THR A 177 -0.72 -6.83 1.76
CA THR A 177 0.64 -6.30 1.79
C THR A 177 1.41 -6.51 3.10
N PHE A 178 0.73 -6.85 4.18
CA PHE A 178 1.38 -6.88 5.49
C PHE A 178 2.47 -7.95 5.60
N LYS A 179 2.17 -9.15 5.09
CA LYS A 179 3.15 -10.24 5.12
C LYS A 179 4.37 -9.86 4.29
N LEU A 180 4.12 -9.21 3.16
CA LEU A 180 5.19 -8.75 2.29
C LEU A 180 6.00 -7.66 2.97
N GLU A 181 5.32 -6.80 3.73
CA GLU A 181 5.98 -5.69 4.43
C GLU A 181 6.91 -6.22 5.52
N CYS A 182 6.45 -7.22 6.26
CA CYS A 182 7.24 -7.80 7.34
C CYS A 182 8.46 -8.54 6.80
N LYS A 183 8.26 -9.29 5.72
CA LYS A 183 9.35 -10.05 5.11
C LYS A 183 10.37 -9.12 4.45
N HIS A 184 9.91 -7.93 4.09
CA HIS A 184 10.76 -6.95 3.41
C HIS A 184 11.52 -6.08 4.40
N LYS A 185 10.80 -5.46 5.32
CA LYS A 185 11.42 -4.56 6.30
C LYS A 185 12.15 -5.32 7.39
N TYR A 186 11.65 -6.50 7.73
CA TYR A 186 12.24 -7.31 8.79
C TYR A 186 12.45 -8.75 8.35
N SER A 187 11.62 -9.66 8.87
CA SER A 187 11.75 -11.07 8.55
C SER A 187 10.43 -11.82 8.72
N GLU A 188 10.44 -13.10 8.34
CA GLU A 188 9.26 -13.96 8.47
C GLU A 188 8.94 -14.22 9.94
N ARG A 189 9.97 -14.18 10.78
CA ARG A 189 9.79 -14.38 12.21
CA ARG A 189 9.80 -14.38 12.21
C ARG A 189 8.92 -13.28 12.81
N ILE A 190 9.07 -12.07 12.29
CA ILE A 190 8.28 -10.92 12.73
C ILE A 190 6.82 -11.08 12.36
N TYR A 191 6.57 -11.53 11.13
CA TYR A 191 5.22 -11.73 10.64
C TYR A 191 4.49 -12.79 11.45
N GLU A 192 5.17 -13.91 11.71
CA GLU A 192 4.58 -15.00 12.49
C GLU A 192 4.30 -14.56 13.92
N ALA A 193 5.09 -13.62 14.42
CA ALA A 193 4.89 -13.08 15.76
C ALA A 193 3.62 -12.24 15.82
N CYS A 194 3.40 -11.44 14.79
CA CYS A 194 2.21 -10.60 14.70
C CYS A 194 0.94 -11.43 14.55
N ILE A 195 1.01 -12.47 13.72
CA ILE A 195 -0.11 -13.37 13.52
C ILE A 195 -0.54 -14.02 14.82
N GLU A 196 0.44 -14.50 15.59
CA GLU A 196 0.19 -15.07 16.90
C GLU A 196 -0.41 -14.02 17.83
N SER A 197 0.05 -12.78 17.67
CA SER A 197 -0.41 -11.68 18.50
C SER A 197 -1.83 -11.26 18.13
N PHE A 198 -2.14 -11.34 16.84
CA PHE A 198 -3.47 -10.99 16.35
C PHE A 198 -4.54 -11.93 16.89
N CYS A 199 -4.15 -13.18 17.17
CA CYS A 199 -5.07 -14.16 17.74
C CYS A 199 -5.38 -13.84 19.19
N ALA A 200 -4.50 -13.08 19.84
CA ALA A 200 -4.69 -12.70 21.24
C ALA A 200 -5.52 -11.45 21.38
N LEU A 201 -5.70 -10.73 20.28
CA LEU A 201 -6.49 -9.51 20.25
C LEU A 201 -7.95 -9.78 20.63
N PRO A 202 -8.49 -8.99 21.56
CA PRO A 202 -9.91 -9.06 21.95
C PRO A 202 -10.84 -8.82 20.76
N LEU A 203 -12.01 -9.45 20.79
CA LEU A 203 -12.94 -9.38 19.67
C LEU A 203 -13.93 -8.22 19.80
N ALA A 204 -14.28 -7.88 21.03
CA ALA A 204 -15.29 -6.84 21.27
C ALA A 204 -15.08 -6.13 22.60
N ALA A 205 -15.86 -5.09 22.83
CA ALA A 205 -15.79 -4.32 24.06
C ALA A 205 -17.12 -3.68 24.40
N VAL A 206 -17.44 -3.63 25.69
CA VAL A 206 -18.63 -2.91 26.17
C VAL A 206 -18.18 -1.65 26.90
N MET A 207 -18.30 -0.51 26.23
CA MET A 207 -17.80 0.74 26.78
C MET A 207 -18.85 1.47 27.63
N ASN A 208 -18.51 1.68 28.89
CA ASN A 208 -19.34 2.43 29.83
C ASN A 208 -20.74 1.83 30.00
N LYS A 209 -20.84 0.51 29.82
CA LYS A 209 -22.10 -0.22 29.97
C LYS A 209 -23.21 0.35 29.07
N GLN A 210 -22.83 0.92 27.94
CA GLN A 210 -23.80 1.56 27.06
C GLN A 210 -23.62 1.16 25.60
N PHE A 211 -22.37 0.97 25.19
CA PHE A 211 -22.06 0.73 23.79
C PHE A 211 -21.33 -0.58 23.54
N LEU A 212 -21.81 -1.34 22.56
CA LEU A 212 -21.08 -2.50 22.07
C LEU A 212 -20.10 -2.05 21.00
N CYS A 213 -18.81 -2.22 21.27
CA CYS A 213 -17.78 -1.79 20.35
C CYS A 213 -17.16 -2.97 19.61
N ILE A 214 -17.32 -3.00 18.29
CA ILE A 214 -16.78 -4.04 17.45
C ILE A 214 -16.21 -3.45 16.17
N HIS A 215 -15.59 -4.28 15.34
CA HIS A 215 -15.09 -3.83 14.05
C HIS A 215 -16.17 -3.91 12.99
N GLY A 216 -16.64 -5.12 12.71
CA GLY A 216 -17.65 -5.34 11.70
C GLY A 216 -19.04 -4.97 12.18
N GLY A 217 -19.86 -5.98 12.43
CA GLY A 217 -21.23 -5.74 12.85
C GLY A 217 -21.87 -6.91 13.58
N LEU A 218 -23.19 -7.04 13.43
CA LEU A 218 -23.96 -8.04 14.15
C LEU A 218 -23.95 -9.39 13.47
N SER A 219 -24.53 -10.38 14.14
CA SER A 219 -24.55 -11.76 13.65
C SER A 219 -25.87 -12.44 14.00
N PRO A 220 -26.32 -13.35 13.12
CA PRO A 220 -27.52 -14.16 13.44
C PRO A 220 -27.26 -15.11 14.61
N GLU A 221 -25.99 -15.33 14.93
CA GLU A 221 -25.62 -16.17 16.07
C GLU A 221 -25.33 -15.32 17.30
N LEU A 222 -25.36 -14.00 17.13
CA LEU A 222 -25.13 -13.07 18.23
C LEU A 222 -26.44 -12.65 18.87
N HIS A 223 -26.79 -13.28 19.99
CA HIS A 223 -28.03 -12.97 20.68
C HIS A 223 -27.77 -12.11 21.91
N THR A 224 -26.84 -12.55 22.75
CA THR A 224 -26.44 -11.77 23.91
C THR A 224 -24.94 -11.56 23.92
N LEU A 225 -24.46 -10.76 24.88
CA LEU A 225 -23.02 -10.53 25.04
C LEU A 225 -22.32 -11.81 25.48
N GLU A 226 -23.09 -12.72 26.08
CA GLU A 226 -22.55 -13.98 26.57
C GLU A 226 -22.04 -14.85 25.42
N ASP A 227 -22.63 -14.68 24.25
CA ASP A 227 -22.22 -15.42 23.06
C ASP A 227 -20.79 -15.07 22.66
N ILE A 228 -20.42 -13.81 22.82
CA ILE A 228 -19.07 -13.34 22.51
C ILE A 228 -18.06 -13.92 23.49
N LYS A 229 -18.46 -14.00 24.76
CA LYS A 229 -17.57 -14.46 25.82
C LYS A 229 -17.21 -15.94 25.70
N SER A 230 -18.08 -16.71 25.05
CA SER A 230 -17.88 -18.14 24.92
C SER A 230 -17.08 -18.50 23.66
N ILE A 231 -16.57 -17.49 22.97
CA ILE A 231 -15.78 -17.70 21.76
C ILE A 231 -14.32 -18.00 22.08
N ASP A 232 -13.76 -19.01 21.43
CA ASP A 232 -12.33 -19.25 21.46
C ASP A 232 -11.66 -18.36 20.42
N ARG A 233 -11.19 -17.19 20.87
CA ARG A 233 -10.66 -16.19 19.95
C ARG A 233 -9.22 -16.47 19.54
N PHE A 234 -8.55 -17.35 20.28
CA PHE A 234 -7.15 -17.65 20.02
C PHE A 234 -6.99 -18.56 18.80
N ARG A 235 -7.39 -18.04 17.65
CA ARG A 235 -7.32 -18.78 16.39
C ARG A 235 -7.56 -17.85 15.22
N GLU A 236 -7.42 -18.37 14.00
CA GLU A 236 -7.74 -17.61 12.81
C GLU A 236 -9.25 -17.54 12.65
N PRO A 237 -9.76 -16.37 12.22
CA PRO A 237 -11.20 -16.18 12.01
C PRO A 237 -11.76 -17.17 11.00
N PRO A 238 -12.91 -17.77 11.30
CA PRO A 238 -13.55 -18.75 10.41
C PRO A 238 -14.14 -18.09 9.18
N THR A 239 -14.44 -18.88 8.16
CA THR A 239 -15.04 -18.37 6.93
C THR A 239 -16.51 -18.00 7.16
N HIS A 240 -17.07 -18.48 8.26
CA HIS A 240 -18.45 -18.21 8.62
C HIS A 240 -18.66 -18.40 10.12
N GLY A 241 -19.69 -17.77 10.66
CA GLY A 241 -20.00 -17.93 12.07
C GLY A 241 -19.92 -16.62 12.84
N LEU A 242 -20.10 -16.72 14.15
CA LEU A 242 -20.12 -15.54 15.02
C LEU A 242 -18.81 -14.76 14.95
N MET A 243 -17.68 -15.44 15.12
CA MET A 243 -16.38 -14.79 15.12
C MET A 243 -16.09 -14.11 13.78
N CYS A 244 -16.61 -14.68 12.70
CA CYS A 244 -16.47 -14.10 11.37
C CYS A 244 -17.27 -12.82 11.24
N ASP A 245 -18.54 -12.88 11.61
CA ASP A 245 -19.45 -11.74 11.45
C ASP A 245 -19.04 -10.53 12.27
N ILE A 246 -18.52 -10.76 13.47
CA ILE A 246 -18.06 -9.68 14.33
C ILE A 246 -16.98 -8.84 13.63
N LEU A 247 -16.22 -9.48 12.74
CA LEU A 247 -15.15 -8.79 12.04
C LEU A 247 -15.54 -8.32 10.64
N TRP A 248 -16.58 -8.92 10.07
CA TRP A 248 -16.88 -8.72 8.65
C TRP A 248 -18.24 -8.07 8.34
N ALA A 249 -19.21 -8.23 9.24
CA ALA A 249 -20.58 -7.78 8.97
C ALA A 249 -20.68 -6.28 8.71
N ASP A 250 -21.59 -5.90 7.83
CA ASP A 250 -21.85 -4.51 7.50
C ASP A 250 -23.32 -4.16 7.69
N PRO A 251 -23.62 -2.87 7.93
CA PRO A 251 -25.01 -2.41 7.90
C PRO A 251 -25.51 -2.39 6.45
N LEU A 252 -26.81 -2.61 6.25
CA LEU A 252 -27.40 -2.56 4.93
C LEU A 252 -27.17 -1.20 4.28
N GLU A 253 -27.11 -1.18 2.95
CA GLU A 253 -26.96 0.08 2.22
C GLU A 253 -28.19 0.96 2.43
N GLU A 254 -29.32 0.31 2.65
CA GLU A 254 -30.58 1.02 2.91
C GLU A 254 -30.95 0.95 4.38
N PHE A 255 -29.94 0.91 5.24
CA PHE A 255 -30.11 0.81 6.68
C PHE A 255 -31.06 1.89 7.22
N GLY A 256 -32.09 1.46 7.94
CA GLY A 256 -33.07 2.38 8.49
C GLY A 256 -34.23 2.60 7.55
N GLN A 257 -34.11 2.10 6.33
CA GLN A 257 -35.14 2.27 5.31
C GLN A 257 -35.49 0.94 4.63
N GLU A 258 -35.36 -0.15 5.37
CA GLU A 258 -35.62 -1.48 4.82
C GLU A 258 -37.10 -1.66 4.49
N LYS A 259 -37.38 -2.15 3.29
CA LYS A 259 -38.75 -2.42 2.88
C LYS A 259 -39.29 -3.65 3.62
N THR A 260 -38.40 -4.61 3.88
CA THR A 260 -38.77 -5.83 4.59
C THR A 260 -38.42 -5.72 6.07
N GLY A 261 -38.82 -6.73 6.84
CA GLY A 261 -38.53 -6.76 8.26
C GLY A 261 -37.40 -7.73 8.59
N ASP A 262 -36.66 -8.13 7.56
CA ASP A 262 -35.57 -9.08 7.72
C ASP A 262 -34.44 -8.51 8.57
N TYR A 263 -33.73 -9.39 9.27
CA TYR A 263 -32.62 -8.97 10.11
C TYR A 263 -31.29 -9.05 9.38
N PHE A 264 -31.05 -10.16 8.70
CA PHE A 264 -29.78 -10.36 8.01
C PHE A 264 -29.97 -10.79 6.56
N VAL A 265 -28.89 -10.68 5.78
CA VAL A 265 -28.88 -11.10 4.39
C VAL A 265 -27.42 -11.23 3.95
N HIS A 266 -27.14 -12.15 3.02
CA HIS A 266 -25.78 -12.39 2.55
C HIS A 266 -25.11 -11.13 2.03
N ASN A 267 -23.88 -10.89 2.48
CA ASN A 267 -23.11 -9.73 2.06
C ASN A 267 -22.43 -9.99 0.71
N SER A 268 -23.09 -9.56 -0.36
CA SER A 268 -22.59 -9.79 -1.72
C SER A 268 -21.31 -9.01 -1.99
N VAL A 269 -21.09 -7.94 -1.23
CA VAL A 269 -19.92 -7.09 -1.40
C VAL A 269 -18.67 -7.76 -0.82
N ARG A 270 -18.78 -8.22 0.43
CA ARG A 270 -17.65 -8.86 1.11
C ARG A 270 -17.42 -10.28 0.62
N GLY A 271 -18.48 -10.91 0.12
CA GLY A 271 -18.40 -12.29 -0.33
C GLY A 271 -18.52 -13.25 0.85
N CYS A 272 -18.76 -12.70 2.03
CA CYS A 272 -18.93 -13.50 3.24
C CYS A 272 -19.71 -12.71 4.29
N SER A 273 -20.03 -13.37 5.40
CA SER A 273 -20.80 -12.76 6.49
C SER A 273 -22.14 -12.22 6.02
N TYR A 274 -22.63 -11.17 6.67
CA TYR A 274 -23.98 -10.68 6.39
C TYR A 274 -24.12 -9.16 6.44
N PHE A 275 -25.21 -8.67 5.87
CA PHE A 275 -25.67 -7.30 6.09
C PHE A 275 -26.73 -7.33 7.19
N PHE A 276 -26.57 -6.50 8.22
CA PHE A 276 -27.59 -6.43 9.26
C PHE A 276 -28.43 -5.16 9.11
N SER A 277 -29.67 -5.22 9.59
CA SER A 277 -30.61 -4.13 9.37
C SER A 277 -30.93 -3.35 10.64
N TYR A 278 -31.72 -2.30 10.47
CA TYR A 278 -32.15 -1.45 11.59
C TYR A 278 -33.01 -2.20 12.63
N PRO A 279 -34.02 -2.97 12.19
CA PRO A 279 -34.75 -3.70 13.23
C PRO A 279 -33.90 -4.77 13.89
N ALA A 280 -32.88 -5.26 13.18
CA ALA A 280 -31.94 -6.23 13.74
C ALA A 280 -31.11 -5.60 14.84
N ALA A 281 -30.67 -4.36 14.61
CA ALA A 281 -29.88 -3.63 15.59
C ALA A 281 -30.70 -3.28 16.82
N CYS A 282 -31.92 -2.82 16.59
CA CYS A 282 -32.82 -2.44 17.68
C CYS A 282 -33.20 -3.63 18.55
N ALA A 283 -33.33 -4.80 17.92
CA ALA A 283 -33.68 -6.01 18.63
C ALA A 283 -32.56 -6.43 19.58
N PHE A 284 -31.33 -6.22 19.14
CA PHE A 284 -30.16 -6.57 19.95
C PHE A 284 -29.99 -5.61 21.10
N LEU A 285 -30.13 -4.31 20.82
CA LEU A 285 -29.94 -3.28 21.82
C LEU A 285 -30.99 -3.36 22.93
N GLU A 286 -32.22 -3.65 22.56
CA GLU A 286 -33.30 -3.78 23.54
C GLU A 286 -33.13 -5.06 24.37
N LYS A 287 -32.52 -6.07 23.77
CA LYS A 287 -32.30 -7.34 24.44
C LYS A 287 -31.19 -7.24 25.49
N ASN A 288 -30.16 -6.45 25.20
CA ASN A 288 -28.99 -6.37 26.05
C ASN A 288 -28.84 -5.06 26.82
N ASN A 289 -29.88 -4.23 26.74
CA ASN A 289 -29.88 -2.92 27.38
C ASN A 289 -28.68 -2.06 26.99
N LEU A 290 -28.46 -1.91 25.69
CA LEU A 290 -27.38 -1.09 25.17
C LEU A 290 -27.93 0.07 24.34
N LEU A 291 -27.21 1.19 24.35
CA LEU A 291 -27.68 2.39 23.65
C LEU A 291 -27.37 2.36 22.16
N SER A 292 -26.17 1.90 21.81
CA SER A 292 -25.74 1.94 20.42
C SER A 292 -24.67 0.92 20.09
N ILE A 293 -24.34 0.82 18.80
CA ILE A 293 -23.28 -0.06 18.34
C ILE A 293 -22.21 0.74 17.61
N ILE A 294 -21.07 0.95 18.28
CA ILE A 294 -19.96 1.67 17.69
C ILE A 294 -19.06 0.72 16.89
N ARG A 295 -18.94 0.98 15.60
CA ARG A 295 -18.20 0.10 14.71
C ARG A 295 -17.26 0.86 13.78
N ALA A 296 -16.68 0.15 12.83
CA ALA A 296 -15.76 0.72 11.86
C ALA A 296 -15.93 0.05 10.51
N HIS A 297 -14.86 -0.59 10.03
CA HIS A 297 -14.92 -1.52 8.90
C HIS A 297 -15.29 -0.88 7.55
N GLU A 298 -16.05 0.20 7.57
CA GLU A 298 -16.46 0.88 6.35
C GLU A 298 -15.92 2.31 6.26
N ALA A 299 -15.36 2.66 5.11
CA ALA A 299 -14.80 3.99 4.90
C ALA A 299 -15.89 5.04 4.78
N GLN A 300 -15.73 6.14 5.51
CA GLN A 300 -16.67 7.25 5.46
C GLN A 300 -15.98 8.51 4.95
N ASP A 301 -16.71 9.33 4.21
CA ASP A 301 -16.15 10.55 3.64
C ASP A 301 -15.84 11.58 4.72
N ALA A 302 -16.67 11.60 5.76
CA ALA A 302 -16.49 12.54 6.86
C ALA A 302 -15.71 11.90 8.00
N GLY A 303 -15.32 10.63 7.82
CA GLY A 303 -14.61 9.90 8.85
C GLY A 303 -15.56 9.19 9.79
N TYR A 304 -16.85 9.47 9.63
CA TYR A 304 -17.87 8.85 10.47
C TYR A 304 -19.24 8.87 9.78
N ARG A 305 -20.15 8.04 10.27
CA ARG A 305 -21.53 8.07 9.81
C ARG A 305 -22.48 7.71 10.96
N MET A 306 -23.48 8.56 11.17
CA MET A 306 -24.48 8.30 12.19
C MET A 306 -25.72 7.69 11.56
N TYR A 307 -26.09 6.50 12.01
CA TYR A 307 -27.23 5.79 11.43
C TYR A 307 -28.52 6.12 12.18
N ARG A 308 -29.62 5.54 11.74
CA ARG A 308 -30.94 5.87 12.28
C ARG A 308 -31.04 5.66 13.78
N LYS A 309 -31.58 6.67 14.47
CA LYS A 309 -31.74 6.60 15.92
C LYS A 309 -32.78 5.57 16.31
N THR A 310 -32.59 4.95 17.49
CA THR A 310 -33.53 3.96 17.99
C THR A 310 -34.83 4.63 18.42
N ARG A 311 -35.90 3.84 18.51
CA ARG A 311 -37.18 4.35 18.95
C ARG A 311 -37.27 4.34 20.47
N THR A 312 -36.40 3.57 21.11
CA THR A 312 -36.42 3.41 22.56
C THR A 312 -35.76 4.57 23.28
N THR A 313 -34.64 5.06 22.75
CA THR A 313 -33.86 6.10 23.42
C THR A 313 -33.62 7.33 22.54
N GLY A 314 -33.96 7.22 21.25
CA GLY A 314 -33.72 8.31 20.32
C GLY A 314 -32.24 8.50 20.03
N PHE A 315 -31.47 7.45 20.27
CA PHE A 315 -30.02 7.49 20.10
C PHE A 315 -29.62 6.67 18.86
N PRO A 316 -28.65 7.18 18.09
CA PRO A 316 -28.14 6.51 16.89
C PRO A 316 -27.81 5.04 17.11
N SER A 317 -28.58 4.16 16.48
CA SER A 317 -28.45 2.72 16.69
C SER A 317 -27.07 2.18 16.32
N VAL A 318 -26.47 2.75 15.28
CA VAL A 318 -25.16 2.32 14.82
C VAL A 318 -24.24 3.51 14.55
N MET A 319 -22.97 3.37 14.95
CA MET A 319 -21.97 4.39 14.66
C MET A 319 -20.76 3.80 13.95
N THR A 320 -20.47 4.29 12.76
CA THR A 320 -19.28 3.87 12.02
C THR A 320 -18.16 4.89 12.21
N ILE A 321 -17.04 4.44 12.76
CA ILE A 321 -15.89 5.32 12.97
C ILE A 321 -14.74 4.91 12.05
N PHE A 322 -14.25 5.85 11.25
CA PHE A 322 -13.16 5.58 10.32
C PHE A 322 -12.03 6.57 10.52
N SER A 323 -10.83 6.06 10.81
CA SER A 323 -9.73 6.92 11.21
C SER A 323 -8.57 6.91 10.22
N ALA A 324 -8.89 6.69 8.94
CA ALA A 324 -7.88 6.71 7.88
C ALA A 324 -8.21 7.76 6.84
N PRO A 325 -7.59 8.95 6.96
CA PRO A 325 -7.87 10.07 6.06
C PRO A 325 -7.19 9.91 4.71
N ASN A 326 -7.85 10.35 3.64
CA ASN A 326 -7.37 10.15 2.28
C ASN A 326 -7.02 8.68 2.07
N TYR A 327 -7.97 7.81 2.37
CA TYR A 327 -7.80 6.36 2.33
C TYR A 327 -7.24 5.90 0.99
N LEU A 328 -6.14 5.15 1.05
CA LEU A 328 -5.46 4.65 -0.14
C LEU A 328 -4.97 5.77 -1.05
N ASP A 329 -4.72 6.94 -0.44
CA ASP A 329 -4.19 8.11 -1.14
C ASP A 329 -5.08 8.60 -2.30
N VAL A 330 -6.33 8.14 -2.34
CA VAL A 330 -7.22 8.49 -3.45
C VAL A 330 -8.63 8.87 -3.01
N TYR A 331 -9.07 8.35 -1.87
CA TYR A 331 -10.43 8.59 -1.39
C TYR A 331 -10.65 10.04 -0.99
N ASN A 332 -9.57 10.71 -0.58
CA ASN A 332 -9.62 12.11 -0.18
C ASN A 332 -10.65 12.37 0.91
N ASN A 333 -10.86 11.35 1.75
CA ASN A 333 -11.84 11.45 2.83
C ASN A 333 -11.20 11.95 4.12
N LYS A 334 -12.01 12.55 4.98
CA LYS A 334 -11.55 12.94 6.31
C LYS A 334 -11.58 11.72 7.22
N ALA A 335 -10.81 11.78 8.31
CA ALA A 335 -10.85 10.75 9.33
C ALA A 335 -11.48 11.32 10.59
N ALA A 336 -11.92 10.44 11.49
CA ALA A 336 -12.58 10.89 12.70
C ALA A 336 -12.39 9.92 13.86
N VAL A 337 -12.46 10.44 15.07
CA VAL A 337 -12.45 9.63 16.28
C VAL A 337 -13.61 10.05 17.18
N LEU A 338 -14.11 9.12 17.98
CA LEU A 338 -15.22 9.42 18.87
C LEU A 338 -14.74 9.65 20.30
N LYS A 339 -15.08 10.80 20.87
CA LYS A 339 -14.71 11.10 22.24
C LYS A 339 -15.94 11.16 23.13
N TYR A 340 -15.94 10.35 24.19
CA TYR A 340 -17.06 10.31 25.13
C TYR A 340 -16.56 10.57 26.55
N GLU A 341 -16.95 11.72 27.09
CA GLU A 341 -16.50 12.13 28.41
C GLU A 341 -17.67 12.60 29.27
N ASN A 342 -17.69 12.14 30.53
CA ASN A 342 -18.80 12.42 31.43
C ASN A 342 -20.13 12.01 30.82
N ASN A 343 -20.92 13.01 30.42
CA ASN A 343 -22.16 12.78 29.70
C ASN A 343 -22.13 13.49 28.35
N VAL A 344 -20.92 13.80 27.91
CA VAL A 344 -20.72 14.55 26.67
C VAL A 344 -20.03 13.69 25.62
N MET A 345 -20.54 13.72 24.39
CA MET A 345 -19.94 12.99 23.28
C MET A 345 -19.84 13.86 22.04
N ASN A 346 -18.72 13.78 21.34
CA ASN A 346 -18.52 14.57 20.13
C ASN A 346 -17.52 13.93 19.16
N ILE A 347 -17.61 14.34 17.90
CA ILE A 347 -16.73 13.84 16.85
C ILE A 347 -15.60 14.82 16.56
N ARG A 348 -14.38 14.31 16.45
CA ARG A 348 -13.24 15.12 16.05
C ARG A 348 -12.63 14.63 14.74
N GLN A 349 -12.66 15.48 13.73
CA GLN A 349 -12.16 15.12 12.42
C GLN A 349 -10.74 15.65 12.19
N PHE A 350 -10.05 15.07 11.20
CA PHE A 350 -8.73 15.54 10.80
C PHE A 350 -8.37 15.07 9.41
N ASN A 351 -7.57 15.87 8.70
CA ASN A 351 -7.18 15.57 7.33
C ASN A 351 -5.92 14.70 7.27
N CYS A 352 -5.50 14.38 6.06
CA CYS A 352 -4.35 13.51 5.87
C CYS A 352 -3.03 14.25 6.05
N THR A 353 -1.96 13.49 6.24
CA THR A 353 -0.62 14.04 6.40
C THR A 353 0.31 13.41 5.38
N PRO A 354 1.14 14.23 4.71
CA PRO A 354 2.10 13.74 3.72
C PRO A 354 2.98 12.61 4.26
N HIS A 355 3.26 11.62 3.42
CA HIS A 355 4.06 10.48 3.81
C HIS A 355 5.06 10.13 2.71
N PRO A 356 6.18 9.50 3.08
CA PRO A 356 7.16 9.02 2.10
C PRO A 356 6.54 8.10 1.06
N TYR A 357 7.14 8.04 -0.13
CA TYR A 357 6.58 7.27 -1.22
C TYR A 357 7.19 5.88 -1.34
N TRP A 358 6.34 4.89 -1.56
CA TRP A 358 6.78 3.53 -1.85
C TRP A 358 6.30 3.12 -3.25
N LEU A 359 7.16 2.44 -3.99
CA LEU A 359 6.73 1.77 -5.21
C LEU A 359 5.81 0.63 -4.79
N PRO A 360 4.82 0.29 -5.64
CA PRO A 360 3.84 -0.76 -5.33
C PRO A 360 4.48 -2.05 -4.81
N ASN A 361 3.97 -2.54 -3.69
CA ASN A 361 4.46 -3.75 -3.04
C ASN A 361 5.94 -3.71 -2.69
N PHE A 362 6.40 -2.53 -2.26
CA PHE A 362 7.77 -2.33 -1.79
C PHE A 362 8.80 -2.72 -2.84
N MET A 363 8.45 -2.51 -4.10
CA MET A 363 9.34 -2.83 -5.22
C MET A 363 10.53 -1.88 -5.27
N ASP A 364 11.72 -2.45 -5.43
CA ASP A 364 12.94 -1.64 -5.54
C ASP A 364 13.05 -1.03 -6.93
N VAL A 365 13.80 0.05 -7.05
CA VAL A 365 13.89 0.79 -8.32
C VAL A 365 14.60 -0.01 -9.42
N PHE A 366 15.36 -1.03 -9.03
CA PHE A 366 16.05 -1.86 -10.01
C PHE A 366 15.07 -2.83 -10.67
N THR A 367 14.28 -3.52 -9.85
CA THR A 367 13.22 -4.38 -10.36
C THR A 367 12.18 -3.56 -11.10
N TRP A 368 12.09 -2.29 -10.73
CA TRP A 368 11.09 -1.37 -11.27
C TRP A 368 11.44 -0.84 -12.66
N SER A 369 12.74 -0.71 -12.93
CA SER A 369 13.19 -0.06 -14.15
C SER A 369 13.79 -1.02 -15.18
N LEU A 370 14.35 -2.14 -14.71
CA LEU A 370 15.04 -3.08 -15.59
C LEU A 370 14.20 -3.61 -16.77
N PRO A 371 12.91 -3.95 -16.55
CA PRO A 371 12.14 -4.39 -17.72
C PRO A 371 12.04 -3.32 -18.81
N PHE A 372 11.98 -2.06 -18.41
CA PHE A 372 11.89 -0.94 -19.36
C PHE A 372 13.24 -0.68 -20.00
N VAL A 373 14.31 -0.85 -19.22
CA VAL A 373 15.66 -0.67 -19.74
C VAL A 373 15.96 -1.69 -20.83
N GLY A 374 15.60 -2.94 -20.58
CA GLY A 374 15.81 -4.02 -21.54
C GLY A 374 15.11 -3.77 -22.86
N GLU A 375 13.94 -3.13 -22.79
CA GLU A 375 13.18 -2.80 -23.99
C GLU A 375 13.88 -1.72 -24.80
N LYS A 376 14.30 -0.65 -24.11
CA LYS A 376 14.93 0.49 -24.77
C LYS A 376 16.30 0.15 -25.33
N ILE A 377 17.01 -0.77 -24.67
CA ILE A 377 18.28 -1.25 -25.18
C ILE A 377 18.04 -2.10 -26.42
N THR A 378 17.05 -2.99 -26.35
CA THR A 378 16.69 -3.84 -27.47
C THR A 378 16.28 -3.02 -28.68
N ASP A 379 15.51 -1.96 -28.44
CA ASP A 379 15.08 -1.06 -29.51
C ASP A 379 16.27 -0.31 -30.12
N MET A 380 17.20 0.10 -29.26
CA MET A 380 18.39 0.81 -29.71
C MET A 380 19.31 -0.11 -30.50
N LEU A 381 19.24 -1.40 -30.21
CA LEU A 381 20.03 -2.39 -30.94
C LEU A 381 19.57 -2.51 -32.39
N ILE A 382 18.27 -2.50 -32.59
CA ILE A 382 17.67 -2.64 -33.91
C ILE A 382 18.06 -1.47 -34.82
N ALA A 383 18.25 -0.30 -34.22
CA ALA A 383 18.63 0.90 -34.97
C ALA A 383 20.05 0.80 -35.52
N ILE A 384 20.78 -0.24 -35.12
CA ILE A 384 22.13 -0.47 -35.60
C ILE A 384 22.19 -1.67 -36.54
N GLU B 22 29.29 -15.06 -38.65
CA GLU B 22 29.32 -14.73 -37.23
C GLU B 22 29.90 -13.33 -37.03
N VAL B 23 31.19 -13.29 -36.72
CA VAL B 23 31.90 -12.02 -36.54
C VAL B 23 32.10 -11.32 -37.88
N ASP B 24 32.27 -12.10 -38.94
CA ASP B 24 32.47 -11.57 -40.28
C ASP B 24 31.22 -10.82 -40.76
N ARG B 25 30.05 -11.36 -40.41
CA ARG B 25 28.79 -10.73 -40.75
C ARG B 25 28.58 -9.45 -39.94
N LEU B 26 28.97 -9.50 -38.68
CA LEU B 26 28.86 -8.35 -37.79
C LEU B 26 29.86 -7.26 -38.18
N ARG B 27 31.03 -7.69 -38.67
CA ARG B 27 32.04 -6.75 -39.13
C ARG B 27 31.58 -6.03 -40.39
N LYS B 28 30.73 -6.70 -41.17
CA LYS B 28 30.16 -6.11 -42.37
C LYS B 28 29.09 -5.08 -42.00
N ARG B 29 28.33 -5.37 -40.94
CA ARG B 29 27.32 -4.45 -40.46
C ARG B 29 27.97 -3.25 -39.78
N PHE B 30 29.12 -3.46 -39.17
CA PHE B 30 29.87 -2.39 -38.53
C PHE B 30 30.48 -1.47 -39.56
N MET B 31 30.90 -2.05 -40.68
CA MET B 31 31.46 -1.29 -41.80
C MET B 31 30.39 -0.48 -42.49
N LYS B 32 29.16 -0.99 -42.47
CA LYS B 32 28.02 -0.30 -43.06
C LYS B 32 27.61 0.88 -42.20
N LEU B 33 27.77 0.75 -40.89
CA LEU B 33 27.43 1.82 -39.95
C LEU B 33 28.60 2.77 -39.75
N SER B 54 15.07 9.35 -30.43
CA SER B 54 14.60 9.99 -29.20
C SER B 54 14.57 9.00 -28.03
N ASN B 55 15.51 8.06 -28.02
CA ASN B 55 15.60 7.09 -26.94
C ASN B 55 16.22 7.73 -25.70
N PRO B 56 15.56 7.57 -24.55
CA PRO B 56 16.03 8.17 -23.28
C PRO B 56 17.38 7.64 -22.83
N LEU B 57 17.75 6.45 -23.29
CA LEU B 57 19.03 5.84 -22.91
C LEU B 57 20.05 5.95 -24.04
N ALA B 58 19.95 7.04 -24.81
CA ALA B 58 20.87 7.26 -25.93
C ALA B 58 22.28 7.58 -25.43
N THR B 59 22.38 8.60 -24.59
CA THR B 59 23.67 9.05 -24.07
C THR B 59 24.34 7.98 -23.21
N ARG B 60 23.52 7.15 -22.56
CA ARG B 60 24.05 6.11 -21.69
C ARG B 60 24.64 4.94 -22.47
N MET B 61 23.87 4.43 -23.43
CA MET B 61 24.29 3.25 -24.19
C MET B 61 25.50 3.56 -25.07
N ILE B 62 25.54 4.77 -25.62
CA ILE B 62 26.67 5.19 -26.45
C ILE B 62 27.93 5.33 -25.61
N ALA B 63 27.75 5.56 -24.31
CA ALA B 63 28.87 5.69 -23.38
C ALA B 63 29.36 4.33 -22.91
N ILE B 64 28.48 3.33 -22.97
CA ILE B 64 28.84 1.97 -22.57
C ILE B 64 29.73 1.32 -23.63
N PHE B 65 29.36 1.50 -24.90
CA PHE B 65 30.17 1.01 -26.01
C PHE B 65 31.56 1.62 -25.98
N ASP B 66 31.61 2.92 -25.68
CA ASP B 66 32.88 3.62 -25.51
C ASP B 66 33.52 3.19 -24.19
N GLU B 67 34.35 2.15 -24.25
CA GLU B 67 34.89 1.53 -23.06
C GLU B 67 36.09 2.27 -22.48
N ASP B 68 36.75 3.08 -23.31
CA ASP B 68 37.90 3.85 -22.86
C ASP B 68 37.52 5.29 -22.50
N GLY B 69 36.30 5.66 -22.83
CA GLY B 69 35.81 7.00 -22.53
C GLY B 69 36.40 8.07 -23.42
N GLY B 70 36.68 7.69 -24.67
CA GLY B 70 37.28 8.61 -25.63
C GLY B 70 36.26 9.53 -26.27
N GLY B 71 35.07 9.01 -26.52
CA GLY B 71 34.01 9.76 -27.17
C GLY B 71 33.56 9.11 -28.46
N ASP B 72 34.37 8.20 -28.98
CA ASP B 72 34.04 7.46 -30.19
C ASP B 72 33.90 5.97 -29.90
N VAL B 73 33.62 5.19 -30.94
CA VAL B 73 33.48 3.75 -30.79
C VAL B 73 34.00 3.01 -32.03
N ASP B 74 34.94 2.10 -31.81
CA ASP B 74 35.54 1.34 -32.91
C ASP B 74 34.95 -0.07 -32.98
N PHE B 75 35.47 -0.88 -33.90
CA PHE B 75 34.94 -2.22 -34.12
C PHE B 75 35.08 -3.12 -32.90
N GLN B 76 36.23 -3.05 -32.23
CA GLN B 76 36.46 -3.87 -31.04
C GLN B 76 35.50 -3.49 -29.92
N GLU B 77 35.19 -2.20 -29.83
CA GLU B 77 34.20 -1.72 -28.87
C GLU B 77 32.78 -2.02 -29.36
N PHE B 78 32.64 -2.11 -30.68
CA PHE B 78 31.34 -2.37 -31.30
C PHE B 78 30.93 -3.83 -31.09
N VAL B 79 31.88 -4.74 -31.31
CA VAL B 79 31.63 -6.16 -31.14
C VAL B 79 31.45 -6.53 -29.67
N SER B 80 32.33 -6.00 -28.82
CA SER B 80 32.29 -6.28 -27.39
C SER B 80 30.96 -5.84 -26.77
N GLY B 81 30.44 -4.71 -27.24
CA GLY B 81 29.18 -4.19 -26.76
C GLY B 81 28.01 -5.09 -27.16
N LEU B 82 28.09 -5.63 -28.36
CA LEU B 82 27.03 -6.50 -28.89
C LEU B 82 27.16 -7.94 -28.38
N SER B 83 28.37 -8.35 -28.04
CA SER B 83 28.64 -9.71 -27.64
C SER B 83 27.92 -10.12 -26.34
N ALA B 84 27.50 -9.12 -25.58
CA ALA B 84 26.82 -9.38 -24.30
C ALA B 84 25.38 -9.84 -24.52
N PHE B 85 24.87 -9.64 -25.73
CA PHE B 85 23.48 -9.98 -26.02
C PHE B 85 23.36 -11.23 -26.88
N SER B 86 24.46 -11.96 -27.03
CA SER B 86 24.47 -13.18 -27.82
C SER B 86 23.95 -14.37 -27.02
N LYS B 91 23.93 -15.14 -19.06
CA LYS B 91 23.06 -14.33 -18.22
C LYS B 91 23.89 -13.35 -17.38
N GLU B 92 25.14 -13.70 -17.14
CA GLU B 92 26.05 -12.85 -16.38
C GLU B 92 26.40 -11.58 -17.14
N GLU B 93 26.77 -11.74 -18.41
CA GLU B 93 27.19 -10.62 -19.25
C GLU B 93 26.05 -9.63 -19.47
N LYS B 94 24.83 -10.15 -19.51
CA LYS B 94 23.64 -9.31 -19.70
C LYS B 94 23.40 -8.43 -18.47
N LEU B 95 23.59 -9.01 -17.29
CA LEU B 95 23.44 -8.27 -16.04
C LEU B 95 24.55 -7.24 -15.87
N ARG B 96 25.74 -7.57 -16.39
CA ARG B 96 26.87 -6.67 -16.33
C ARG B 96 26.63 -5.42 -17.18
N PHE B 97 25.91 -5.60 -18.28
CA PHE B 97 25.56 -4.49 -19.16
C PHE B 97 24.53 -3.60 -18.51
N ALA B 98 23.56 -4.21 -17.82
CA ALA B 98 22.51 -3.48 -17.14
C ALA B 98 23.08 -2.64 -16.01
N PHE B 99 24.16 -3.12 -15.41
CA PHE B 99 24.83 -2.40 -14.33
C PHE B 99 25.54 -1.16 -14.89
N LYS B 100 26.08 -1.27 -16.09
CA LYS B 100 26.80 -0.18 -16.73
C LYS B 100 25.86 0.96 -17.14
N VAL B 101 24.58 0.65 -17.24
CA VAL B 101 23.57 1.65 -17.60
C VAL B 101 23.44 2.69 -16.49
N TYR B 102 23.48 2.22 -15.25
CA TYR B 102 23.35 3.11 -14.10
C TYR B 102 24.70 3.70 -13.68
N ASP B 103 25.77 2.94 -13.91
CA ASP B 103 27.11 3.39 -13.53
C ASP B 103 27.67 4.36 -14.57
N ILE B 104 27.52 5.65 -14.29
CA ILE B 104 27.89 6.69 -15.26
C ILE B 104 29.39 6.94 -15.34
N ASP B 105 30.05 7.05 -14.18
CA ASP B 105 31.49 7.34 -14.17
C ASP B 105 32.33 6.09 -14.34
N ARG B 106 31.66 4.95 -14.51
CA ARG B 106 32.32 3.65 -14.73
C ARG B 106 33.29 3.29 -13.62
N ASP B 107 32.90 3.54 -12.37
CA ASP B 107 33.78 3.24 -11.24
C ASP B 107 33.47 1.88 -10.61
N GLY B 108 32.42 1.23 -11.12
CA GLY B 108 32.02 -0.08 -10.65
C GLY B 108 30.97 -0.01 -9.56
N TYR B 109 30.53 1.19 -9.22
CA TYR B 109 29.51 1.36 -8.19
C TYR B 109 28.38 2.28 -8.66
N ILE B 110 27.16 1.94 -8.28
CA ILE B 110 26.01 2.80 -8.56
C ILE B 110 25.74 3.71 -7.36
N SER B 111 26.01 5.00 -7.54
CA SER B 111 25.80 5.98 -6.47
C SER B 111 24.34 6.43 -6.43
N ASN B 112 23.98 7.11 -5.34
CA ASN B 112 22.64 7.64 -5.17
C ASN B 112 22.28 8.64 -6.28
N GLY B 113 23.22 9.52 -6.59
CA GLY B 113 23.01 10.53 -7.62
C GLY B 113 22.88 9.94 -9.01
N GLU B 114 23.72 8.97 -9.32
CA GLU B 114 23.68 8.29 -10.62
C GLU B 114 22.35 7.58 -10.83
N LEU B 115 21.87 6.93 -9.77
CA LEU B 115 20.62 6.19 -9.83
C LEU B 115 19.45 7.11 -10.12
N PHE B 116 19.41 8.25 -9.43
CA PHE B 116 18.37 9.24 -9.63
C PHE B 116 18.36 9.79 -11.06
N ILE B 117 19.54 10.15 -11.55
CA ILE B 117 19.68 10.77 -12.87
C ILE B 117 19.24 9.83 -14.00
N VAL B 118 19.73 8.60 -13.96
CA VAL B 118 19.37 7.62 -14.98
C VAL B 118 17.88 7.32 -14.97
N LEU B 119 17.31 7.16 -13.78
CA LEU B 119 15.89 6.90 -13.64
C LEU B 119 15.05 8.07 -14.17
N LYS B 120 15.52 9.29 -13.92
CA LYS B 120 14.82 10.49 -14.37
C LYS B 120 14.76 10.58 -15.89
N MET B 121 15.75 9.98 -16.56
CA MET B 121 15.78 9.95 -18.02
C MET B 121 14.61 9.18 -18.59
N MET B 122 14.18 8.15 -17.87
CA MET B 122 13.09 7.28 -18.32
C MET B 122 11.75 7.70 -17.74
N VAL B 123 11.78 8.16 -16.49
CA VAL B 123 10.55 8.50 -15.77
C VAL B 123 10.02 9.87 -16.19
N GLY B 124 10.91 10.86 -16.20
CA GLY B 124 10.51 12.22 -16.51
C GLY B 124 9.69 12.83 -15.40
N ASN B 125 8.51 13.34 -15.74
CA ASN B 125 7.65 13.99 -14.76
C ASN B 125 6.66 13.03 -14.11
N ASN B 126 6.66 11.78 -14.55
CA ASN B 126 5.71 10.79 -14.03
C ASN B 126 5.90 10.56 -12.52
N LEU B 127 7.08 10.85 -12.02
CA LEU B 127 7.32 10.90 -10.57
C LEU B 127 7.89 12.26 -10.19
N LYS B 128 7.45 12.78 -9.05
CA LYS B 128 8.01 14.02 -8.52
C LYS B 128 9.44 13.76 -8.04
N ASP B 129 10.22 14.83 -7.92
CA ASP B 129 11.61 14.73 -7.46
C ASP B 129 11.67 14.10 -6.07
N VAL B 130 10.76 14.51 -5.20
CA VAL B 130 10.69 13.98 -3.84
C VAL B 130 10.40 12.48 -3.85
N GLN B 131 9.39 12.08 -4.61
CA GLN B 131 8.97 10.69 -4.69
C GLN B 131 10.08 9.78 -5.21
N LEU B 132 10.77 10.24 -6.25
CA LEU B 132 11.85 9.45 -6.84
C LEU B 132 13.06 9.38 -5.92
N GLN B 133 13.41 10.52 -5.31
CA GLN B 133 14.56 10.57 -4.41
C GLN B 133 14.36 9.66 -3.20
N GLN B 134 13.11 9.53 -2.76
CA GLN B 134 12.80 8.72 -1.58
C GLN B 134 12.93 7.23 -1.85
N ILE B 135 12.44 6.77 -3.00
CA ILE B 135 12.55 5.36 -3.34
C ILE B 135 13.97 5.02 -3.79
N VAL B 136 14.72 6.04 -4.23
CA VAL B 136 16.13 5.85 -4.55
C VAL B 136 16.91 5.65 -3.25
N ASP B 137 16.63 6.48 -2.26
CA ASP B 137 17.26 6.37 -0.95
C ASP B 137 17.03 4.99 -0.33
N LYS B 138 15.78 4.55 -0.35
CA LYS B 138 15.41 3.28 0.30
C LYS B 138 15.97 2.07 -0.45
N THR B 139 16.08 2.17 -1.77
CA THR B 139 16.68 1.09 -2.57
C THR B 139 18.15 0.91 -2.22
N ILE B 140 18.87 2.03 -2.11
CA ILE B 140 20.29 2.01 -1.75
C ILE B 140 20.52 1.30 -0.42
N MET B 141 19.76 1.69 0.59
CA MET B 141 19.92 1.15 1.94
C MET B 141 19.70 -0.37 1.97
N GLU B 142 18.71 -0.83 1.23
CA GLU B 142 18.37 -2.24 1.21
C GLU B 142 19.36 -3.06 0.40
N ALA B 143 20.10 -2.39 -0.48
CA ALA B 143 21.06 -3.06 -1.35
C ALA B 143 22.50 -2.88 -0.83
N ASP B 144 22.74 -1.80 -0.11
CA ASP B 144 24.06 -1.52 0.42
C ASP B 144 24.34 -2.38 1.64
N LYS B 145 24.80 -3.61 1.41
CA LYS B 145 25.02 -4.58 2.47
C LYS B 145 26.28 -4.29 3.28
N ASP B 146 27.24 -3.61 2.66
CA ASP B 146 28.50 -3.29 3.34
C ASP B 146 28.52 -1.85 3.85
N ARG B 147 27.40 -1.15 3.64
CA ARG B 147 27.22 0.21 4.15
C ARG B 147 28.31 1.18 3.70
N ASP B 148 28.44 1.39 2.40
CA ASP B 148 29.40 2.37 1.88
C ASP B 148 28.69 3.48 1.12
N GLY B 149 27.37 3.41 1.08
CA GLY B 149 26.56 4.43 0.41
C GLY B 149 26.38 4.16 -1.08
N LYS B 150 27.12 3.18 -1.60
CA LYS B 150 27.09 2.88 -3.03
C LYS B 150 26.63 1.45 -3.28
N ILE B 151 26.41 1.10 -4.55
CA ILE B 151 25.95 -0.23 -4.91
C ILE B 151 26.94 -0.95 -5.81
N SER B 152 27.53 -2.03 -5.32
CA SER B 152 28.48 -2.81 -6.11
C SER B 152 27.72 -3.68 -7.10
N PHE B 153 28.47 -4.43 -7.91
CA PHE B 153 27.86 -5.31 -8.89
C PHE B 153 27.27 -6.55 -8.21
N GLU B 154 27.93 -6.99 -7.14
CA GLU B 154 27.45 -8.13 -6.37
C GLU B 154 26.14 -7.79 -5.68
N GLU B 155 26.07 -6.59 -5.11
CA GLU B 155 24.87 -6.13 -4.43
C GLU B 155 23.73 -5.90 -5.42
N PHE B 156 24.08 -5.52 -6.64
CA PHE B 156 23.09 -5.27 -7.69
C PHE B 156 22.42 -6.57 -8.14
N THR B 157 23.22 -7.60 -8.36
CA THR B 157 22.70 -8.89 -8.82
C THR B 157 21.88 -9.60 -7.74
N GLU B 158 22.27 -9.41 -6.48
CA GLU B 158 21.58 -10.04 -5.37
C GLU B 158 20.22 -9.39 -5.12
N MET B 159 20.01 -8.23 -5.75
CA MET B 159 18.75 -7.51 -5.63
C MET B 159 17.75 -7.91 -6.71
N VAL B 160 18.27 -8.19 -7.91
CA VAL B 160 17.41 -8.55 -9.03
C VAL B 160 17.63 -9.99 -9.48
N GLU B 161 17.85 -10.87 -8.50
CA GLU B 161 18.05 -12.29 -8.79
C GLU B 161 16.78 -12.93 -9.35
N ASN B 162 15.64 -12.27 -9.11
CA ASN B 162 14.36 -12.79 -9.56
C ASN B 162 14.10 -12.49 -11.04
N THR B 163 14.47 -11.30 -11.48
CA THR B 163 14.25 -10.88 -12.86
C THR B 163 15.08 -11.71 -13.83
N SER B 168 16.56 -10.84 -20.67
CA SER B 168 15.56 -9.83 -20.98
C SER B 168 15.94 -9.05 -22.24
N MET B 169 17.20 -9.20 -22.66
CA MET B 169 17.70 -8.52 -23.84
C MET B 169 18.22 -9.53 -24.85
N THR B 170 17.71 -9.48 -26.07
CA THR B 170 18.08 -10.46 -27.09
C THR B 170 18.50 -9.79 -28.41
N LEU B 171 18.97 -10.61 -29.34
CA LEU B 171 19.40 -10.12 -30.65
C LEU B 171 18.58 -10.76 -31.76
N LYS C 11 -20.88 -17.00 -22.41
CA LYS C 11 -19.90 -16.53 -21.44
C LYS C 11 -18.55 -16.25 -22.09
N ILE C 12 -18.37 -16.76 -23.31
CA ILE C 12 -17.13 -16.53 -24.05
C ILE C 12 -17.28 -15.38 -25.03
N GLU C 13 -16.59 -14.27 -24.75
CA GLU C 13 -16.64 -13.10 -25.61
C GLU C 13 -15.49 -13.11 -26.61
N TRP C 14 -15.69 -12.41 -27.73
CA TRP C 14 -14.69 -12.37 -28.79
C TRP C 14 -14.15 -10.95 -29.01
N HIS C 15 -12.96 -10.68 -28.50
CA HIS C 15 -12.30 -9.39 -28.75
C HIS C 15 -10.78 -9.55 -28.72
N GLU C 16 -10.08 -8.52 -29.19
CA GLU C 16 -8.64 -8.57 -29.34
C GLU C 16 -7.88 -8.73 -28.02
N GLY C 17 -8.45 -8.19 -26.95
CA GLY C 17 -7.83 -8.29 -25.64
C GLY C 17 -8.11 -7.11 -24.73
N VAL C 18 -8.90 -6.16 -25.21
CA VAL C 18 -9.26 -4.98 -24.42
C VAL C 18 -10.66 -4.48 -24.78
N THR C 19 -11.43 -4.13 -23.77
CA THR C 19 -12.76 -3.55 -23.96
C THR C 19 -12.91 -2.29 -23.11
N LYS C 20 -13.54 -1.27 -23.69
CA LYS C 20 -13.68 0.01 -23.01
C LYS C 20 -15.10 0.26 -22.51
N GLU C 21 -15.23 0.72 -21.27
CA GLU C 21 -16.51 1.10 -20.71
C GLU C 21 -16.56 2.60 -20.44
N LEU C 22 -17.31 3.32 -21.26
CA LEU C 22 -17.40 4.77 -21.13
C LEU C 22 -18.19 5.15 -19.88
N LYS C 23 -17.50 5.79 -18.94
CA LYS C 23 -18.14 6.25 -17.71
C LYS C 23 -18.59 7.70 -17.85
N SER C 24 -17.72 8.52 -18.44
CA SER C 24 -18.02 9.92 -18.70
C SER C 24 -17.44 10.36 -20.03
N PRO C 25 -18.28 10.95 -20.89
CA PRO C 25 -17.89 11.33 -22.26
C PRO C 25 -16.95 12.53 -22.32
N GLY C 26 -16.07 12.55 -23.32
CA GLY C 26 -15.20 13.68 -23.56
C GLY C 26 -15.80 14.63 -24.56
N ASN C 27 -14.95 15.30 -25.34
CA ASN C 27 -15.45 16.24 -26.35
C ASN C 27 -15.97 15.51 -27.59
N GLY C 28 -15.61 14.23 -27.71
CA GLY C 28 -16.06 13.41 -28.82
C GLY C 28 -15.43 13.77 -30.15
N VAL C 29 -14.37 14.57 -30.09
CA VAL C 29 -13.72 15.06 -31.30
C VAL C 29 -12.25 14.64 -31.38
N ASP C 30 -11.49 14.95 -30.34
CA ASP C 30 -10.06 14.67 -30.34
C ASP C 30 -9.77 13.26 -29.83
N PHE C 31 -9.23 12.42 -30.71
CA PHE C 31 -8.85 11.05 -30.36
C PHE C 31 -7.35 10.86 -30.54
N PRO C 32 -6.69 10.23 -29.57
CA PRO C 32 -5.25 9.93 -29.65
C PRO C 32 -4.90 9.04 -30.84
N LYS C 33 -4.02 9.52 -31.70
CA LYS C 33 -3.56 8.72 -32.83
C LYS C 33 -2.21 8.10 -32.52
N LYS C 34 -1.80 7.15 -33.34
CA LYS C 34 -0.51 6.47 -33.15
C LYS C 34 0.66 7.45 -33.19
N GLY C 35 1.40 7.52 -32.09
CA GLY C 35 2.56 8.40 -32.01
C GLY C 35 2.32 9.65 -31.20
N ASP C 36 1.07 9.89 -30.83
CA ASP C 36 0.72 11.06 -30.04
C ASP C 36 1.09 10.89 -28.58
N PHE C 37 1.32 12.02 -27.90
CA PHE C 37 1.62 12.00 -26.48
C PHE C 37 0.38 12.33 -25.67
N VAL C 38 0.00 11.43 -24.77
CA VAL C 38 -1.22 11.60 -23.99
C VAL C 38 -0.92 11.81 -22.51
N THR C 39 -1.82 12.53 -21.84
CA THR C 39 -1.73 12.75 -20.41
C THR C 39 -2.95 12.15 -19.74
N ILE C 40 -2.74 11.15 -18.89
CA ILE C 40 -3.84 10.38 -18.32
C ILE C 40 -3.69 10.16 -16.82
N HIS C 41 -4.77 10.40 -16.08
CA HIS C 41 -4.85 9.99 -14.68
C HIS C 41 -5.46 8.60 -14.60
N TYR C 42 -4.67 7.63 -14.14
CA TYR C 42 -5.12 6.24 -14.12
C TYR C 42 -5.16 5.67 -12.71
N THR C 43 -6.01 4.65 -12.53
CA THR C 43 -6.06 3.87 -11.31
C THR C 43 -6.24 2.40 -11.68
N GLY C 44 -5.19 1.61 -11.46
CA GLY C 44 -5.21 0.21 -11.85
C GLY C 44 -5.64 -0.72 -10.73
N ARG C 45 -6.61 -1.58 -11.02
CA ARG C 45 -7.07 -2.57 -10.06
C ARG C 45 -7.05 -3.97 -10.67
N LEU C 46 -7.00 -4.98 -9.82
CA LEU C 46 -7.12 -6.37 -10.29
C LEU C 46 -8.60 -6.72 -10.38
N THR C 47 -8.89 -7.95 -10.76
CA THR C 47 -10.28 -8.39 -10.92
C THR C 47 -11.01 -8.45 -9.58
N ASP C 48 -10.25 -8.52 -8.49
CA ASP C 48 -10.83 -8.55 -7.16
C ASP C 48 -11.22 -7.15 -6.70
N GLY C 49 -10.75 -6.14 -7.42
CA GLY C 49 -11.08 -4.76 -7.12
C GLY C 49 -10.02 -4.05 -6.29
N SER C 50 -8.92 -4.74 -6.03
CA SER C 50 -7.84 -4.19 -5.22
C SER C 50 -6.89 -3.35 -6.08
N LYS C 51 -6.63 -2.13 -5.63
CA LYS C 51 -5.74 -1.23 -6.35
C LYS C 51 -4.29 -1.65 -6.20
N PHE C 52 -3.56 -1.69 -7.30
CA PHE C 52 -2.13 -2.00 -7.25
C PHE C 52 -1.28 -0.78 -7.57
N ASP C 53 -1.87 0.19 -8.28
CA ASP C 53 -1.16 1.41 -8.64
C ASP C 53 -2.12 2.50 -9.11
N SER C 54 -1.73 3.75 -8.93
CA SER C 54 -2.51 4.89 -9.38
C SER C 54 -1.64 6.13 -9.53
N SER C 55 -1.89 6.91 -10.58
CA SER C 55 -1.17 8.15 -10.78
C SER C 55 -1.68 9.21 -9.80
N VAL C 56 -2.87 8.97 -9.25
CA VAL C 56 -3.45 9.84 -8.24
C VAL C 56 -2.65 9.75 -6.93
N ASP C 57 -2.09 8.58 -6.67
CA ASP C 57 -1.24 8.37 -5.50
C ASP C 57 -0.06 9.33 -5.50
N ARG C 58 0.52 9.53 -6.68
CA ARG C 58 1.68 10.40 -6.82
C ARG C 58 1.25 11.85 -7.05
N ASN C 59 -0.06 12.06 -7.16
CA ASN C 59 -0.62 13.37 -7.48
C ASN C 59 0.03 13.92 -8.74
N GLU C 60 0.21 13.05 -9.73
CA GLU C 60 0.88 13.42 -10.96
C GLU C 60 0.33 12.63 -12.14
N PRO C 61 -0.32 13.34 -13.09
CA PRO C 61 -0.87 12.71 -14.29
C PRO C 61 0.18 11.97 -15.11
N PHE C 62 -0.17 10.79 -15.61
CA PHE C 62 0.76 9.95 -16.34
C PHE C 62 0.89 10.37 -17.80
N GLN C 63 2.12 10.43 -18.29
CA GLN C 63 2.38 10.83 -19.66
C GLN C 63 3.18 9.78 -20.41
N THR C 64 2.80 9.53 -21.66
CA THR C 64 3.51 8.57 -22.51
C THR C 64 3.14 8.77 -23.98
N GLN C 65 3.92 8.19 -24.87
CA GLN C 65 3.59 8.15 -26.28
C GLN C 65 2.74 6.92 -26.57
N ILE C 66 1.56 7.13 -27.13
CA ILE C 66 0.61 6.04 -27.35
C ILE C 66 0.84 5.37 -28.71
N GLY C 67 0.54 4.08 -28.78
CA GLY C 67 0.59 3.33 -30.03
C GLY C 67 1.97 3.10 -30.59
N THR C 68 2.99 3.15 -29.74
CA THR C 68 4.36 2.94 -30.20
C THR C 68 5.08 1.84 -29.43
N GLY C 69 4.34 1.16 -28.55
CA GLY C 69 4.89 0.05 -27.81
C GLY C 69 5.53 0.44 -26.49
N ARG C 70 5.28 1.68 -26.06
CA ARG C 70 5.82 2.15 -24.79
CA ARG C 70 5.81 2.17 -24.78
C ARG C 70 5.10 1.49 -23.61
N VAL C 71 3.78 1.44 -23.70
CA VAL C 71 2.96 0.84 -22.65
C VAL C 71 2.41 -0.52 -23.10
N ILE C 72 1.60 -1.14 -22.25
CA ILE C 72 1.00 -2.44 -22.57
C ILE C 72 0.05 -2.32 -23.76
N LYS C 73 -0.16 -3.43 -24.45
CA LYS C 73 -0.97 -3.46 -25.67
C LYS C 73 -2.41 -3.00 -25.43
N GLY C 74 -2.92 -3.27 -24.23
CA GLY C 74 -4.28 -2.89 -23.89
C GLY C 74 -4.48 -1.39 -23.90
N TRP C 75 -3.43 -0.64 -23.54
CA TRP C 75 -3.48 0.81 -23.54
C TRP C 75 -3.33 1.38 -24.94
N ASP C 76 -2.42 0.80 -25.72
CA ASP C 76 -2.18 1.28 -27.09
C ASP C 76 -3.40 1.09 -27.98
N GLU C 77 -4.28 0.16 -27.61
CA GLU C 77 -5.47 -0.12 -28.39
C GLU C 77 -6.73 0.44 -27.72
N GLY C 78 -6.64 0.72 -26.43
CA GLY C 78 -7.78 1.22 -25.68
C GLY C 78 -7.87 2.74 -25.66
N VAL C 79 -6.76 3.39 -25.36
CA VAL C 79 -6.70 4.86 -25.29
C VAL C 79 -7.14 5.58 -26.58
N PRO C 80 -6.70 5.12 -27.76
CA PRO C 80 -7.17 5.80 -28.98
C PRO C 80 -8.68 5.76 -29.19
N GLN C 81 -9.38 4.90 -28.46
CA GLN C 81 -10.84 4.82 -28.58
C GLN C 81 -11.51 5.89 -27.72
N MET C 82 -10.72 6.55 -26.88
CA MET C 82 -11.24 7.58 -25.98
C MET C 82 -11.13 8.97 -26.60
N SER C 83 -12.07 9.84 -26.26
CA SER C 83 -11.99 11.24 -26.69
C SER C 83 -11.35 12.08 -25.58
N LEU C 84 -10.92 13.28 -25.94
CA LEU C 84 -10.26 14.17 -24.99
C LEU C 84 -11.20 14.58 -23.85
N GLY C 85 -10.87 14.15 -22.64
CA GLY C 85 -11.66 14.48 -21.47
C GLY C 85 -12.51 13.33 -20.96
N GLU C 86 -12.50 12.22 -21.71
CA GLU C 86 -13.35 11.08 -21.39
C GLU C 86 -12.86 10.29 -20.17
N LYS C 87 -13.81 9.93 -19.31
CA LYS C 87 -13.54 8.98 -18.23
C LYS C 87 -14.06 7.61 -18.63
N ALA C 88 -13.18 6.62 -18.68
CA ALA C 88 -13.58 5.27 -19.08
C ALA C 88 -12.83 4.21 -18.29
N VAL C 89 -13.27 2.96 -18.44
CA VAL C 89 -12.63 1.83 -17.77
C VAL C 89 -12.16 0.79 -18.79
N LEU C 90 -10.88 0.43 -18.71
CA LEU C 90 -10.30 -0.54 -19.65
C LEU C 90 -10.12 -1.90 -18.99
N THR C 91 -10.83 -2.90 -19.51
CA THR C 91 -10.66 -4.28 -19.08
C THR C 91 -9.66 -4.96 -20.00
N ILE C 92 -8.50 -5.32 -19.46
CA ILE C 92 -7.40 -5.81 -20.27
C ILE C 92 -7.05 -7.27 -19.96
N THR C 93 -7.07 -8.11 -20.99
CA THR C 93 -6.66 -9.50 -20.87
C THR C 93 -5.17 -9.59 -20.62
N PRO C 94 -4.71 -10.69 -19.98
CA PRO C 94 -3.28 -10.89 -19.69
C PRO C 94 -2.38 -10.77 -20.91
N ASP C 95 -2.87 -11.18 -22.08
CA ASP C 95 -2.06 -11.12 -23.29
C ASP C 95 -1.82 -9.68 -23.73
N TYR C 96 -2.80 -8.82 -23.49
CA TYR C 96 -2.63 -7.39 -23.74
C TYR C 96 -2.04 -6.71 -22.51
N GLY C 97 -1.85 -7.50 -21.45
CA GLY C 97 -1.27 -7.00 -20.21
C GLY C 97 0.18 -7.42 -20.05
N TYR C 98 0.46 -8.19 -19.00
CA TYR C 98 1.82 -8.61 -18.72
C TYR C 98 2.01 -10.11 -18.87
N GLY C 99 0.98 -10.79 -19.37
CA GLY C 99 1.08 -12.20 -19.71
C GLY C 99 1.24 -13.12 -18.52
N ALA C 100 1.84 -14.29 -18.75
CA ALA C 100 2.00 -15.30 -17.73
C ALA C 100 3.12 -14.94 -16.75
N ARG C 101 4.09 -14.15 -17.22
CA ARG C 101 5.19 -13.72 -16.37
C ARG C 101 4.73 -12.62 -15.42
N GLY C 102 3.74 -11.86 -15.85
CA GLY C 102 3.22 -10.76 -15.05
C GLY C 102 4.26 -9.68 -14.83
N PHE C 103 4.13 -8.93 -13.73
CA PHE C 103 5.11 -7.93 -13.36
C PHE C 103 5.34 -7.96 -11.85
N PRO C 104 6.14 -8.94 -11.38
CA PRO C 104 6.41 -9.10 -9.95
C PRO C 104 7.21 -7.94 -9.38
N PRO C 105 6.94 -7.57 -8.12
CA PRO C 105 5.94 -8.21 -7.26
C PRO C 105 4.58 -7.52 -7.31
N VAL C 106 4.32 -6.77 -8.38
CA VAL C 106 3.09 -5.97 -8.47
C VAL C 106 1.95 -6.74 -9.12
N ILE C 107 2.19 -7.28 -10.30
CA ILE C 107 1.15 -7.97 -11.06
C ILE C 107 1.41 -9.48 -11.16
N PRO C 108 0.49 -10.29 -10.64
CA PRO C 108 0.57 -11.76 -10.72
C PRO C 108 0.48 -12.24 -12.17
N GLY C 109 0.93 -13.47 -12.42
CA GLY C 109 0.87 -14.04 -13.75
C GLY C 109 -0.56 -14.29 -14.21
N ASN C 110 -0.79 -14.13 -15.51
CA ASN C 110 -2.11 -14.34 -16.11
C ASN C 110 -3.20 -13.51 -15.44
N SER C 111 -2.94 -12.23 -15.26
CA SER C 111 -3.88 -11.33 -14.59
C SER C 111 -4.66 -10.47 -15.57
N THR C 112 -5.97 -10.40 -15.37
CA THR C 112 -6.81 -9.48 -16.13
C THR C 112 -6.81 -8.11 -15.45
N LEU C 113 -6.39 -7.09 -16.17
CA LEU C 113 -6.21 -5.76 -15.59
C LEU C 113 -7.39 -4.83 -15.86
N ILE C 114 -7.74 -4.06 -14.84
CA ILE C 114 -8.84 -3.10 -14.94
C ILE C 114 -8.35 -1.69 -14.65
N PHE C 115 -8.35 -0.84 -15.67
CA PHE C 115 -7.83 0.52 -15.53
C PHE C 115 -8.91 1.58 -15.64
N GLU C 116 -9.05 2.39 -14.59
CA GLU C 116 -9.86 3.59 -14.64
C GLU C 116 -9.03 4.70 -15.25
N VAL C 117 -9.38 5.14 -16.46
CA VAL C 117 -8.56 6.10 -17.18
C VAL C 117 -9.30 7.39 -17.53
N GLU C 118 -8.68 8.52 -17.23
CA GLU C 118 -9.20 9.83 -17.61
C GLU C 118 -8.21 10.54 -18.52
N LEU C 119 -8.57 10.66 -19.80
CA LEU C 119 -7.72 11.31 -20.78
C LEU C 119 -7.71 12.82 -20.58
N LEU C 120 -6.62 13.33 -20.00
CA LEU C 120 -6.54 14.75 -19.66
C LEU C 120 -5.99 15.62 -20.78
N GLY C 121 -5.10 15.05 -21.58
CA GLY C 121 -4.47 15.82 -22.65
C GLY C 121 -3.96 14.99 -23.82
N ILE C 122 -4.05 15.58 -25.01
CA ILE C 122 -3.50 14.97 -26.22
C ILE C 122 -2.59 15.97 -26.93
N ASN C 123 -1.29 15.72 -26.87
CA ASN C 123 -0.28 16.62 -27.44
C ASN C 123 -0.44 18.04 -26.93
N ASN C 124 -0.50 18.17 -25.60
CA ASN C 124 -0.61 19.46 -24.92
C ASN C 124 -1.89 20.23 -25.24
N LYS C 125 -2.88 19.53 -25.79
CA LYS C 125 -4.23 20.08 -25.88
C LYS C 125 -5.08 19.47 -24.76
N ARG C 126 -5.41 20.30 -23.77
CA ARG C 126 -6.08 19.80 -22.57
C ARG C 126 -7.59 19.93 -22.63
N ALA C 127 -8.26 19.30 -21.67
CA ALA C 127 -9.72 19.32 -21.60
C ALA C 127 -10.19 19.98 -20.31
ZN ZN D . -12.31 -3.98 8.10
FE FE E . -10.91 -1.64 6.75
P PO4 F . -11.57 -3.99 4.58
O1 PO4 F . -12.63 -3.10 3.98
O2 PO4 F . -12.15 -4.77 5.74
O3 PO4 F . -11.07 -4.95 3.53
O4 PO4 F . -10.41 -3.15 5.07
C1 EDO G . 16.50 -5.11 23.17
O1 EDO G . 17.55 -4.60 22.32
C2 EDO G . 16.40 -6.63 22.97
O2 EDO G . 15.38 -7.15 23.83
C1 EDO H . -30.34 -10.90 16.95
O1 EDO H . -29.73 -10.61 18.22
C2 EDO H . -30.84 -9.59 16.34
O2 EDO H . -29.75 -8.68 16.20
CA CA I . 29.50 5.32 -10.15
CA CA J . 28.03 -1.17 -1.36
CA CA K . 36.39 4.80 -28.12
C1 FK5 L . 2.25 0.37 -18.25
C2 FK5 L . 0.91 0.37 -17.58
C3 FK5 L . -0.04 1.32 -18.31
C4 FK5 L . 0.30 2.78 -18.02
C5 FK5 L . 0.24 3.06 -16.53
C6 FK5 L . 1.21 2.16 -15.77
C8 FK5 L . 0.83 -0.19 -15.22
C9 FK5 L . 0.91 0.11 -13.86
C10 FK5 L . 2.24 0.04 -13.11
C11 FK5 L . 3.07 -1.11 -13.68
C12 FK5 L . 4.54 -1.01 -13.29
C13 FK5 L . 5.04 0.41 -13.51
C14 FK5 L . 4.16 1.36 -12.71
C15 FK5 L . 4.63 2.81 -12.78
C16 FK5 L . 5.03 3.19 -14.21
C17 FK5 L . 5.13 4.70 -14.41
C18 FK5 L . 6.54 5.17 -14.07
C19 FK5 L . 7.49 4.89 -15.21
C20 FK5 L . 8.28 3.65 -15.21
C21 FK5 L . 9.15 3.30 -16.38
C22 FK5 L . 8.41 2.38 -17.30
C23 FK5 L . 7.60 2.96 -18.44
C24 FK5 L . 6.62 1.89 -18.93
C25 FK5 L . 5.42 1.79 -17.99
C26 FK5 L . 4.44 0.70 -18.45
C27 FK5 L . 5.11 -0.64 -18.37
C28 FK5 L . 5.48 -1.37 -19.60
C29 FK5 L . 6.23 -2.66 -19.55
C30 FK5 L . 5.52 -3.68 -20.45
C31 FK5 L . 6.32 -4.97 -20.59
C32 FK5 L . 7.73 -4.70 -21.07
C33 FK5 L . 8.43 -3.72 -20.12
C34 FK5 L . 7.64 -2.42 -20.06
C35 FK5 L . 2.50 -2.44 -13.21
C36 FK5 L . 4.09 5.45 -13.61
C37 FK5 L . 7.62 5.88 -16.34
C38 FK5 L . 10.40 2.60 -15.87
C39 FK5 L . 11.04 3.42 -14.77
C40 FK5 L . 12.44 3.86 -14.89
C41 FK5 L . 4.71 3.13 -17.86
C42 FK5 L . 5.39 -1.26 -17.04
C43 FK5 L . 7.24 0.03 -14.13
C44 FK5 L . 5.27 3.49 -10.65
C45 FK5 L . 4.70 -6.63 -20.91
N7 FK5 L . 0.98 0.75 -16.15
O1 FK5 L . 3.29 0.72 -17.64
O2 FK5 L . 2.36 -0.02 -19.59
O3 FK5 L . 0.56 -1.51 -15.63
O4 FK5 L . -0.27 0.49 -13.16
O5 FK5 L . 2.87 1.30 -13.27
O6 FK5 L . 2.00 -0.20 -11.70
O7 FK5 L . 6.38 0.50 -13.12
O8 FK5 L . 5.71 3.01 -11.90
O9 FK5 L . 8.46 0.99 -17.08
O10 FK5 L . 6.18 2.23 -20.23
O11 FK5 L . 5.67 -5.80 -21.53
O12 FK5 L . 8.46 -5.91 -21.11
#